data_8KE5
#
_entry.id   8KE5
#
_cell.length_a   104.685
_cell.length_b   104.685
_cell.length_c   71.338
_cell.angle_alpha   90.000
_cell.angle_beta   90.000
_cell.angle_gamma   120.000
#
_symmetry.space_group_name_H-M   'P 64'
#
loop_
_entity.id
_entity.type
_entity.pdbx_description
1 polymer 'Pyrrolysine--tRNA ligase'
2 non-polymer 'MAGNESIUM ION'
3 non-polymer 'PHOSPHOAMINOPHOSPHONIC ACID-ADENYLATE ESTER'
4 non-polymer '(2R)-2-azanyl-3-(3-chlorophenyl)propanoic acid'
5 water water
#
_entity_poly.entity_id   1
_entity_poly.type   'polypeptide(L)'
_entity_poly.pdbx_seq_one_letter_code
;MHHHHHHASAPALTKSQTDRLEVLLNPKDEISLNSGKPFRELESELLSRRKKDLQQIYAEERENYLGKLEREITRFFVDR
GFLEIKSPILIPLEYIERMGIDNDTELSKQIFRVDKNFCLRPMLAPNLYNYLRKLDRALPDPIKIFEIGPCYRKESDGKE
HLEEFTMLGFQQMGSGCTRENLESIITDFLNHLGIDFKIVGDSCMVYGDTLDVMHGDLELSSAGVGPIPLDREWGIDKPW
IGAGFGLERLLKVKHDFKNIKRAARSESYYNGISTNL
;
_entity_poly.pdbx_strand_id   A
#
loop_
_chem_comp.id
_chem_comp.type
_chem_comp.name
_chem_comp.formula
ANP non-polymer 'PHOSPHOAMINOPHOSPHONIC ACID-ADENYLATE ESTER' 'C10 H17 N6 O12 P3'
MG non-polymer 'MAGNESIUM ION' 'Mg 2'
#
# COMPACT_ATOMS: atom_id res chain seq x y z
N ALA A 12 39.49 2.77 2.66
CA ALA A 12 38.33 3.17 1.88
C ALA A 12 37.38 1.98 1.65
N LEU A 13 36.09 2.18 1.92
CA LEU A 13 35.11 1.12 1.71
C LEU A 13 34.84 0.97 0.22
N THR A 14 34.70 -0.28 -0.23
CA THR A 14 34.26 -0.46 -1.60
C THR A 14 32.76 -0.16 -1.72
N LYS A 15 32.29 0.05 -2.96
CA LYS A 15 30.86 0.23 -3.15
C LYS A 15 30.08 -1.00 -2.70
N SER A 16 30.63 -2.20 -2.99
CA SER A 16 29.97 -3.44 -2.55
C SER A 16 29.90 -3.50 -1.04
N GLN A 17 30.98 -3.12 -0.36
CA GLN A 17 30.99 -3.09 1.09
C GLN A 17 29.97 -2.08 1.62
N THR A 18 29.87 -0.93 0.95
CA THR A 18 28.88 0.06 1.35
C THR A 18 27.46 -0.45 1.14
N ASP A 19 27.21 -1.16 0.03
CA ASP A 19 25.88 -1.75 -0.18
C ASP A 19 25.53 -2.70 0.96
N ARG A 20 26.50 -3.51 1.38
CA ARG A 20 26.29 -4.44 2.49
C ARG A 20 25.95 -3.70 3.79
N LEU A 21 26.73 -2.65 4.11
CA LEU A 21 26.44 -1.89 5.33
C LEU A 21 25.08 -1.19 5.24
N GLU A 22 24.71 -0.71 4.05
CA GLU A 22 23.40 -0.07 3.88
C GLU A 22 22.27 -1.06 4.11
N VAL A 23 22.47 -2.34 3.79
CA VAL A 23 21.44 -3.34 4.09
C VAL A 23 21.22 -3.44 5.60
N LEU A 24 22.29 -3.31 6.39
CA LEU A 24 22.23 -3.45 7.84
C LEU A 24 21.88 -2.14 8.55
N LEU A 25 21.89 -1.02 7.82
CA LEU A 25 21.64 0.28 8.43
C LEU A 25 20.14 0.50 8.62
N ASN A 26 19.76 0.98 9.80
CA ASN A 26 18.37 1.39 9.98
C ASN A 26 18.31 2.92 10.09
N PRO A 27 17.20 3.54 9.71
CA PRO A 27 17.16 5.01 9.63
C PRO A 27 17.54 5.70 10.94
N LYS A 28 17.22 5.11 12.09
CA LYS A 28 17.57 5.71 13.38
C LYS A 28 19.04 5.54 13.77
N ASP A 29 19.77 4.62 13.16
CA ASP A 29 21.21 4.55 13.41
C ASP A 29 21.85 5.89 13.05
N GLU A 30 22.79 6.33 13.89
CA GLU A 30 23.64 7.47 13.57
C GLU A 30 25.09 6.98 13.44
N ILE A 31 25.34 6.18 12.41
CA ILE A 31 26.66 5.65 12.10
C ILE A 31 27.08 6.21 10.75
N SER A 32 28.35 6.60 10.64
CA SER A 32 28.91 7.14 9.42
C SER A 32 29.73 6.06 8.72
N LEU A 33 29.39 5.77 7.48
CA LEU A 33 30.11 4.79 6.68
C LEU A 33 31.32 5.40 5.97
N ASN A 34 31.57 6.69 6.14
CA ASN A 34 32.67 7.38 5.46
C ASN A 34 33.73 7.86 6.46
N SER A 35 33.83 7.20 7.60
CA SER A 35 34.86 7.46 8.59
C SER A 35 35.73 6.22 8.74
N GLY A 36 36.98 6.44 9.17
CA GLY A 36 38.04 5.46 9.01
C GLY A 36 37.95 4.16 9.78
N LYS A 37 36.76 3.75 10.20
CA LYS A 37 36.70 2.42 10.79
C LYS A 37 36.64 1.39 9.68
N PRO A 38 37.30 0.24 9.83
CA PRO A 38 37.30 -0.76 8.76
C PRO A 38 35.91 -1.38 8.58
N PHE A 39 35.69 -1.90 7.38
CA PHE A 39 34.42 -2.55 7.04
C PHE A 39 34.05 -3.61 8.06
N ARG A 40 34.98 -4.52 8.37
CA ARG A 40 34.66 -5.68 9.20
C ARG A 40 34.15 -5.26 10.57
N GLU A 41 34.59 -4.13 11.08
CA GLU A 41 34.11 -3.71 12.38
C GLU A 41 32.83 -2.89 12.31
N LEU A 42 32.66 -2.08 11.26
CA LEU A 42 31.36 -1.46 11.01
C LEU A 42 30.29 -2.51 10.79
N GLU A 43 30.63 -3.59 10.05
CA GLU A 43 29.68 -4.68 9.84
C GLU A 43 29.35 -5.37 11.15
N SER A 44 30.36 -5.65 11.97
CA SER A 44 30.08 -6.38 13.19
C SER A 44 29.24 -5.54 14.14
N GLU A 45 29.44 -4.22 14.13
CA GLU A 45 28.64 -3.33 14.95
C GLU A 45 27.17 -3.38 14.55
N LEU A 46 26.90 -3.21 13.25
CA LEU A 46 25.53 -3.18 12.76
C LEU A 46 24.87 -4.55 12.90
N LEU A 47 25.61 -5.64 12.66
CA LEU A 47 25.06 -6.97 12.90
C LEU A 47 24.58 -7.14 14.33
N SER A 48 25.40 -6.70 15.30
CA SER A 48 24.99 -6.79 16.70
CA SER A 48 24.99 -6.77 16.70
C SER A 48 23.73 -5.96 16.96
N ARG A 49 23.64 -4.77 16.37
CA ARG A 49 22.46 -3.94 16.60
C ARG A 49 21.21 -4.59 16.03
N ARG A 50 21.30 -5.12 14.80
CA ARG A 50 20.12 -5.69 14.15
C ARG A 50 19.69 -6.98 14.83
N LYS A 51 20.62 -7.77 15.36
CA LYS A 51 20.23 -8.96 16.11
C LYS A 51 19.46 -8.55 17.36
N LYS A 52 19.91 -7.49 18.05
CA LYS A 52 19.20 -7.03 19.24
C LYS A 52 17.82 -6.49 18.88
N ASP A 53 17.71 -5.78 17.76
CA ASP A 53 16.41 -5.31 17.29
C ASP A 53 15.45 -6.48 17.13
N LEU A 54 15.89 -7.56 16.46
CA LEU A 54 15.00 -8.71 16.27
C LEU A 54 14.70 -9.39 17.59
N GLN A 55 15.70 -9.50 18.47
CA GLN A 55 15.46 -10.13 19.76
C GLN A 55 14.42 -9.35 20.56
N GLN A 56 14.44 -8.01 20.47
CA GLN A 56 13.48 -7.21 21.22
C GLN A 56 12.07 -7.37 20.67
N ILE A 57 11.94 -7.43 19.33
CA ILE A 57 10.63 -7.70 18.73
C ILE A 57 10.11 -9.07 19.20
N TYR A 58 10.98 -10.07 19.15
CA TYR A 58 10.59 -11.42 19.55
C TYR A 58 10.19 -11.49 21.01
N ALA A 59 10.85 -10.71 21.86
CA ALA A 59 10.56 -10.73 23.29
C ALA A 59 9.29 -9.97 23.64
N GLU A 60 8.97 -8.92 22.90
CA GLU A 60 7.98 -7.98 23.42
C GLU A 60 6.69 -7.91 22.63
N GLU A 61 6.70 -7.66 21.32
CA GLU A 61 5.44 -7.44 20.62
C GLU A 61 5.12 -8.54 19.60
N ARG A 62 6.10 -8.94 18.80
CA ARG A 62 6.01 -10.09 17.89
C ARG A 62 5.07 -9.86 16.71
N GLU A 63 4.64 -8.63 16.44
CA GLU A 63 3.73 -8.39 15.33
C GLU A 63 4.47 -7.84 14.11
N ASN A 64 4.05 -8.28 12.93
CA ASN A 64 4.62 -7.83 11.68
C ASN A 64 4.06 -6.46 11.29
N TYR A 65 4.93 -5.56 10.80
CA TYR A 65 4.50 -4.20 10.44
C TYR A 65 3.32 -4.20 9.47
N LEU A 66 3.39 -5.04 8.43
CA LEU A 66 2.33 -5.06 7.43
C LEU A 66 1.04 -5.63 8.02
N GLY A 67 1.11 -6.71 8.78
CA GLY A 67 -0.09 -7.21 9.42
C GLY A 67 -0.68 -6.22 10.40
N LYS A 68 0.18 -5.61 11.23
CA LYS A 68 -0.28 -4.66 12.23
C LYS A 68 -0.93 -3.43 11.59
N LEU A 69 -0.33 -2.90 10.53
CA LEU A 69 -0.93 -1.78 9.82
C LEU A 69 -2.29 -2.15 9.24
N GLU A 70 -2.39 -3.33 8.62
CA GLU A 70 -3.68 -3.76 8.10
C GLU A 70 -4.73 -3.83 9.21
N ARG A 71 -4.35 -4.29 10.40
CA ARG A 71 -5.33 -4.38 11.48
C ARG A 71 -5.71 -2.99 12.02
N GLU A 72 -4.74 -2.07 12.09
CA GLU A 72 -5.05 -0.72 12.52
C GLU A 72 -5.93 0.01 11.51
N ILE A 73 -5.65 -0.15 10.22
CA ILE A 73 -6.52 0.46 9.21
C ILE A 73 -7.92 -0.15 9.27
N THR A 74 -8.00 -1.46 9.51
CA THR A 74 -9.30 -2.13 9.57
C THR A 74 -10.13 -1.57 10.71
N ARG A 75 -9.53 -1.37 11.88
CA ARG A 75 -10.25 -0.80 13.01
C ARG A 75 -10.71 0.61 12.71
N PHE A 76 -9.87 1.41 12.04
CA PHE A 76 -10.27 2.77 11.67
C PHE A 76 -11.53 2.77 10.80
N PHE A 77 -11.53 1.99 9.73
CA PHE A 77 -12.64 2.06 8.79
C PHE A 77 -13.89 1.38 9.34
N VAL A 78 -13.73 0.25 10.04
CA VAL A 78 -14.89 -0.36 10.67
C VAL A 78 -15.55 0.63 11.63
N ASP A 79 -14.76 1.30 12.40
CA ASP A 79 -15.25 2.25 13.37
C ASP A 79 -15.99 3.39 12.69
N ARG A 80 -15.57 3.74 11.52
CA ARG A 80 -16.16 4.82 10.76
C ARG A 80 -17.42 4.38 9.95
N GLY A 81 -17.82 3.13 10.09
CA GLY A 81 -19.04 2.63 9.45
C GLY A 81 -18.85 1.92 8.13
N PHE A 82 -17.62 1.54 7.77
CA PHE A 82 -17.35 0.85 6.51
C PHE A 82 -17.33 -0.67 6.71
N LEU A 83 -17.99 -1.40 5.80
CA LEU A 83 -18.03 -2.85 5.85
C LEU A 83 -16.72 -3.44 5.34
N GLU A 84 -16.14 -4.40 6.08
CA GLU A 84 -14.86 -5.01 5.71
C GLU A 84 -15.08 -6.11 4.67
N ILE A 85 -14.46 -5.97 3.51
CA ILE A 85 -14.61 -6.88 2.39
C ILE A 85 -13.31 -7.70 2.27
N LYS A 86 -13.44 -8.99 1.94
CA LYS A 86 -12.29 -9.82 1.53
C LYS A 86 -12.72 -10.52 0.24
N SER A 87 -12.20 -10.06 -0.90
CA SER A 87 -12.65 -10.56 -2.19
C SER A 87 -11.49 -11.25 -2.91
N PRO A 88 -11.72 -11.87 -4.06
CA PRO A 88 -10.64 -12.68 -4.66
C PRO A 88 -9.46 -11.85 -5.11
N ILE A 89 -8.27 -12.44 -4.96
CA ILE A 89 -7.06 -11.85 -5.49
C ILE A 89 -6.83 -12.29 -6.94
N LEU A 90 -7.11 -13.57 -7.21
CA LEU A 90 -7.10 -14.11 -8.56
C LEU A 90 -8.45 -13.80 -9.21
N ILE A 91 -8.47 -12.92 -10.21
CA ILE A 91 -9.72 -12.36 -10.73
C ILE A 91 -9.83 -12.67 -12.22
N PRO A 92 -11.05 -12.62 -12.77
CA PRO A 92 -11.22 -12.83 -14.21
C PRO A 92 -10.47 -11.77 -15.01
N LEU A 93 -9.78 -12.23 -16.05
CA LEU A 93 -9.05 -11.32 -16.92
C LEU A 93 -9.99 -10.27 -17.52
N GLU A 94 -11.24 -10.64 -17.68
CA GLU A 94 -12.24 -9.77 -18.29
C GLU A 94 -12.38 -8.48 -17.49
N TYR A 95 -12.15 -8.55 -16.18
CA TYR A 95 -12.32 -7.36 -15.33
C TYR A 95 -11.36 -6.26 -15.74
N ILE A 96 -10.21 -6.62 -16.29
CA ILE A 96 -9.22 -5.61 -16.68
C ILE A 96 -9.77 -4.75 -17.82
N GLU A 97 -10.20 -5.38 -18.93
CA GLU A 97 -10.77 -4.59 -20.02
C GLU A 97 -12.00 -3.83 -19.56
N ARG A 98 -12.85 -4.46 -18.74
CA ARG A 98 -14.05 -3.77 -18.30
C ARG A 98 -13.73 -2.57 -17.42
N MET A 99 -12.52 -2.50 -16.86
CA MET A 99 -12.11 -1.30 -16.14
C MET A 99 -11.61 -0.21 -17.09
N GLY A 100 -11.72 -0.43 -18.40
CA GLY A 100 -11.22 0.53 -19.37
C GLY A 100 -9.73 0.48 -19.56
N ILE A 101 -9.08 -0.60 -19.17
CA ILE A 101 -7.63 -0.72 -19.27
C ILE A 101 -7.36 -1.47 -20.56
N ASP A 102 -7.15 -0.71 -21.64
CA ASP A 102 -6.86 -1.28 -22.95
C ASP A 102 -5.37 -1.12 -23.28
N ASN A 103 -4.98 -1.50 -24.50
CA ASN A 103 -3.58 -1.52 -24.91
C ASN A 103 -2.91 -0.14 -24.89
N ASP A 104 -3.66 0.95 -24.79
CA ASP A 104 -3.08 2.30 -24.79
C ASP A 104 -2.85 2.84 -23.38
N THR A 105 -2.99 2.03 -22.34
CA THR A 105 -2.75 2.46 -20.96
C THR A 105 -1.45 1.85 -20.44
N GLU A 106 -0.84 2.44 -19.45
CA GLU A 106 0.37 1.80 -18.90
C GLU A 106 0.03 0.43 -18.26
N LEU A 107 -1.06 0.39 -17.57
CA LEU A 107 -1.45 -0.79 -16.85
C LEU A 107 -1.63 -2.10 -17.62
N SER A 108 -2.12 -2.05 -18.86
CA SER A 108 -2.37 -3.23 -19.65
C SER A 108 -1.11 -4.06 -19.79
N LYS A 109 0.06 -3.41 -19.82
CA LYS A 109 1.34 -4.10 -19.89
C LYS A 109 1.83 -4.57 -18.53
N GLN A 110 1.12 -4.26 -17.45
CA GLN A 110 1.60 -4.57 -16.11
C GLN A 110 0.91 -5.77 -15.48
N ILE A 111 0.02 -6.45 -16.20
CA ILE A 111 -0.82 -7.49 -15.61
C ILE A 111 -0.06 -8.80 -15.54
N PHE A 112 -0.12 -9.45 -14.37
CA PHE A 112 0.33 -10.83 -14.22
C PHE A 112 -0.81 -11.77 -14.62
N ARG A 113 -0.72 -12.37 -15.79
CA ARG A 113 -1.76 -13.29 -16.23
C ARG A 113 -1.53 -14.68 -15.63
N VAL A 114 -2.63 -15.33 -15.28
CA VAL A 114 -2.63 -16.68 -14.75
C VAL A 114 -3.57 -17.46 -15.65
N ASP A 115 -3.11 -18.57 -16.15
CA ASP A 115 -3.90 -19.41 -17.03
C ASP A 115 -4.35 -18.60 -18.26
N LYS A 116 -5.48 -18.91 -18.83
CA LYS A 116 -5.93 -18.20 -20.03
C LYS A 116 -7.01 -17.15 -19.78
N ASN A 117 -7.69 -17.25 -18.64
CA ASN A 117 -8.79 -16.34 -18.33
C ASN A 117 -8.66 -15.66 -16.97
N PHE A 118 -7.51 -15.73 -16.31
CA PHE A 118 -7.41 -15.12 -15.01
C PHE A 118 -6.16 -14.25 -14.94
N CYS A 119 -6.12 -13.43 -13.90
CA CYS A 119 -4.94 -12.61 -13.62
C CYS A 119 -4.90 -12.31 -12.14
N LEU A 120 -3.73 -11.88 -11.67
CA LEU A 120 -3.63 -11.33 -10.32
C LEU A 120 -4.10 -9.89 -10.36
N ARG A 121 -4.98 -9.53 -9.44
CA ARG A 121 -5.60 -8.22 -9.51
C ARG A 121 -4.54 -7.14 -9.34
N PRO A 122 -4.54 -6.11 -10.19
CA PRO A 122 -3.62 -4.98 -10.01
C PRO A 122 -4.19 -3.84 -9.17
N MET A 123 -5.45 -3.97 -8.76
CA MET A 123 -6.20 -2.92 -8.08
C MET A 123 -7.44 -3.58 -7.47
N LEU A 124 -8.13 -2.84 -6.59
CA LEU A 124 -9.33 -3.37 -5.94
C LEU A 124 -10.62 -2.90 -6.58
N ALA A 125 -10.56 -1.92 -7.47
CA ALA A 125 -11.77 -1.29 -8.01
C ALA A 125 -12.79 -2.26 -8.60
N PRO A 126 -12.43 -3.27 -9.39
CA PRO A 126 -13.48 -4.15 -9.95
C PRO A 126 -14.29 -4.85 -8.88
N ASN A 127 -13.61 -5.41 -7.88
CA ASN A 127 -14.32 -6.12 -6.81
C ASN A 127 -15.12 -5.16 -5.95
N LEU A 128 -14.62 -3.94 -5.74
CA LEU A 128 -15.39 -2.99 -4.95
C LEU A 128 -16.64 -2.54 -5.69
N TYR A 129 -16.52 -2.34 -7.00
CA TYR A 129 -17.70 -2.04 -7.83
C TYR A 129 -18.74 -3.13 -7.70
N ASN A 130 -18.33 -4.40 -7.83
CA ASN A 130 -19.28 -5.52 -7.76
C ASN A 130 -19.97 -5.55 -6.40
N TYR A 131 -19.21 -5.29 -5.33
CA TYR A 131 -19.83 -5.32 -4.01
C TYR A 131 -20.80 -4.15 -3.81
N LEU A 132 -20.47 -2.98 -4.35
CA LEU A 132 -21.39 -1.85 -4.21
C LEU A 132 -22.72 -2.14 -4.90
N ARG A 133 -22.65 -2.71 -6.11
CA ARG A 133 -23.86 -3.02 -6.85
C ARG A 133 -24.71 -4.05 -6.11
N LYS A 134 -24.07 -5.11 -5.63
CA LYS A 134 -24.84 -6.17 -4.98
C LYS A 134 -25.40 -5.71 -3.65
N LEU A 135 -24.60 -5.01 -2.84
CA LEU A 135 -25.04 -4.61 -1.52
C LEU A 135 -26.09 -3.51 -1.58
N ASP A 136 -26.18 -2.77 -2.69
CA ASP A 136 -27.23 -1.77 -2.83
C ASP A 136 -28.62 -2.39 -2.83
N ARG A 137 -28.72 -3.69 -3.12
CA ARG A 137 -29.99 -4.38 -3.00
C ARG A 137 -30.39 -4.69 -1.57
N ALA A 138 -29.49 -4.46 -0.59
CA ALA A 138 -29.76 -4.92 0.78
C ALA A 138 -29.48 -3.88 1.85
N LEU A 139 -28.54 -2.98 1.63
CA LEU A 139 -28.09 -2.12 2.70
C LEU A 139 -28.66 -0.71 2.57
N PRO A 140 -28.87 -0.02 3.69
CA PRO A 140 -29.37 1.35 3.64
C PRO A 140 -28.34 2.32 3.11
N ASP A 141 -28.84 3.38 2.48
CA ASP A 141 -27.99 4.41 1.92
C ASP A 141 -27.40 5.28 3.05
N PRO A 142 -26.09 5.61 2.99
CA PRO A 142 -25.11 5.24 1.96
C PRO A 142 -24.38 3.93 2.27
N ILE A 143 -23.84 3.34 1.22
CA ILE A 143 -23.12 2.07 1.30
C ILE A 143 -21.64 2.39 1.39
N LYS A 144 -21.00 1.92 2.47
CA LYS A 144 -19.60 2.22 2.76
C LYS A 144 -18.86 0.89 2.92
N ILE A 145 -17.83 0.66 2.10
CA ILE A 145 -17.09 -0.61 2.13
C ILE A 145 -15.61 -0.32 2.00
N PHE A 146 -14.79 -1.26 2.43
CA PHE A 146 -13.35 -1.16 2.21
C PHE A 146 -12.77 -2.55 2.15
N GLU A 147 -11.60 -2.66 1.51
CA GLU A 147 -10.86 -3.92 1.46
C GLU A 147 -9.38 -3.59 1.58
N ILE A 148 -8.64 -4.50 2.20
CA ILE A 148 -7.18 -4.44 2.27
C ILE A 148 -6.65 -5.80 1.81
N GLY A 149 -5.71 -5.80 0.88
CA GLY A 149 -5.09 -7.06 0.51
C GLY A 149 -4.11 -6.98 -0.64
N PRO A 150 -3.51 -8.11 -0.99
CA PRO A 150 -2.47 -8.12 -2.03
C PRO A 150 -2.98 -7.64 -3.38
N CYS A 151 -2.11 -6.93 -4.09
CA CYS A 151 -2.31 -6.52 -5.48
C CYS A 151 -0.96 -6.67 -6.17
N TYR A 152 -0.98 -6.81 -7.50
CA TYR A 152 0.19 -7.21 -8.27
C TYR A 152 0.31 -6.42 -9.56
N ARG A 153 1.51 -5.88 -9.81
CA ARG A 153 1.80 -5.17 -11.06
C ARG A 153 3.25 -5.44 -11.43
N LYS A 154 3.50 -5.70 -12.71
CA LYS A 154 4.87 -5.70 -13.22
C LYS A 154 5.40 -4.28 -13.23
N GLU A 155 6.60 -4.08 -12.67
CA GLU A 155 7.16 -2.74 -12.53
C GLU A 155 8.64 -2.76 -12.86
N SER A 156 9.16 -1.63 -13.34
CA SER A 156 10.60 -1.44 -13.38
C SER A 156 11.15 -1.36 -11.98
N ASP A 157 12.44 -1.68 -11.83
CA ASP A 157 13.07 -1.58 -10.52
C ASP A 157 13.11 -0.13 -10.07
N GLY A 158 12.61 0.11 -8.86
CA GLY A 158 12.53 1.46 -8.34
C GLY A 158 12.30 1.42 -6.85
N LYS A 159 12.76 2.47 -6.17
CA LYS A 159 12.68 2.50 -4.72
C LYS A 159 11.27 2.74 -4.20
N GLU A 160 10.31 3.05 -5.07
CA GLU A 160 8.93 3.29 -4.64
C GLU A 160 7.95 2.22 -5.13
N HIS A 161 8.39 1.19 -5.85
CA HIS A 161 7.46 0.24 -6.46
C HIS A 161 7.82 -1.18 -6.06
N LEU A 162 6.79 -1.97 -5.76
CA LEU A 162 6.91 -3.42 -5.59
C LEU A 162 6.06 -4.11 -6.63
N GLU A 163 6.45 -5.33 -7.02
CA GLU A 163 5.58 -6.07 -7.92
C GLU A 163 4.45 -6.72 -7.13
N GLU A 164 4.70 -7.02 -5.86
CA GLU A 164 3.72 -7.59 -4.95
C GLU A 164 3.52 -6.59 -3.83
N PHE A 165 2.37 -5.92 -3.79
CA PHE A 165 2.13 -4.95 -2.74
C PHE A 165 0.76 -5.15 -2.10
N THR A 166 0.37 -4.24 -1.21
CA THR A 166 -0.87 -4.37 -0.46
C THR A 166 -1.60 -3.05 -0.62
N MET A 167 -2.86 -3.11 -1.01
N MET A 167 -2.85 -3.14 -1.02
CA MET A 167 -3.64 -1.91 -1.28
CA MET A 167 -3.67 -1.96 -1.25
C MET A 167 -4.83 -1.85 -0.34
C MET A 167 -4.77 -1.89 -0.21
N LEU A 168 -5.06 -0.67 0.25
CA LEU A 168 -6.31 -0.35 0.92
C LEU A 168 -7.18 0.34 -0.12
N GLY A 169 -8.41 -0.14 -0.30
CA GLY A 169 -9.34 0.63 -1.11
C GLY A 169 -10.62 0.85 -0.34
N PHE A 170 -11.16 2.07 -0.33
CA PHE A 170 -12.47 2.28 0.27
C PHE A 170 -13.37 3.02 -0.71
N GLN A 171 -14.68 2.80 -0.57
CA GLN A 171 -15.63 3.44 -1.46
C GLN A 171 -16.93 3.64 -0.71
N GLN A 172 -17.52 4.81 -0.89
CA GLN A 172 -18.85 5.12 -0.36
C GLN A 172 -19.76 5.42 -1.54
N MET A 173 -21.01 4.95 -1.49
CA MET A 173 -21.93 5.15 -2.61
C MET A 173 -23.29 5.62 -2.10
N GLY A 174 -23.83 6.65 -2.75
CA GLY A 174 -25.14 7.18 -2.39
C GLY A 174 -25.05 8.61 -1.87
N SER A 175 -25.67 8.87 -0.73
CA SER A 175 -25.68 10.22 -0.21
C SER A 175 -24.34 10.54 0.45
N GLY A 176 -24.02 11.84 0.51
CA GLY A 176 -22.82 12.28 1.19
C GLY A 176 -21.54 12.11 0.41
N CYS A 177 -21.62 11.84 -0.90
CA CYS A 177 -20.43 11.57 -1.70
C CYS A 177 -19.91 12.85 -2.34
N THR A 178 -19.36 13.69 -1.47
CA THR A 178 -18.81 14.98 -1.88
C THR A 178 -17.29 14.94 -1.77
N ARG A 179 -16.65 15.80 -2.56
CA ARG A 179 -15.19 15.92 -2.46
C ARG A 179 -14.78 16.32 -1.04
N GLU A 180 -15.55 17.20 -0.41
CA GLU A 180 -15.22 17.59 0.96
C GLU A 180 -15.25 16.40 1.91
N ASN A 181 -16.25 15.52 1.78
CA ASN A 181 -16.31 14.37 2.66
C ASN A 181 -15.17 13.42 2.36
N LEU A 182 -14.81 13.28 1.08
CA LEU A 182 -13.67 12.45 0.72
C LEU A 182 -12.39 12.98 1.34
N GLU A 183 -12.15 14.29 1.22
CA GLU A 183 -10.94 14.85 1.81
C GLU A 183 -10.95 14.71 3.33
N SER A 184 -12.12 14.75 3.95
CA SER A 184 -12.18 14.58 5.41
C SER A 184 -11.79 13.18 5.81
N ILE A 185 -12.21 12.17 5.05
CA ILE A 185 -11.85 10.78 5.37
C ILE A 185 -10.34 10.62 5.27
N ILE A 186 -9.78 11.09 4.17
CA ILE A 186 -8.34 10.99 3.93
C ILE A 186 -7.57 11.70 5.03
N THR A 187 -8.03 12.91 5.39
CA THR A 187 -7.28 13.71 6.35
C THR A 187 -7.33 13.05 7.73
N ASP A 188 -8.51 12.65 8.19
CA ASP A 188 -8.60 11.97 9.48
C ASP A 188 -7.77 10.70 9.48
N PHE A 189 -7.80 9.97 8.37
CA PHE A 189 -7.10 8.69 8.27
C PHE A 189 -5.60 8.89 8.42
N LEU A 190 -5.02 9.79 7.64
CA LEU A 190 -3.57 9.96 7.67
C LEU A 190 -3.11 10.66 8.94
N ASN A 191 -3.93 11.55 9.52
CA ASN A 191 -3.57 12.12 10.81
C ASN A 191 -3.67 11.07 11.92
N HIS A 192 -4.59 10.12 11.77
CA HIS A 192 -4.67 8.99 12.70
C HIS A 192 -3.41 8.14 12.64
N LEU A 193 -2.90 7.89 11.42
CA LEU A 193 -1.69 7.08 11.26
C LEU A 193 -0.41 7.86 11.56
N GLY A 194 -0.45 9.19 11.55
CA GLY A 194 0.76 9.98 11.71
C GLY A 194 1.59 10.05 10.45
N ILE A 195 0.95 10.23 9.30
CA ILE A 195 1.62 10.32 8.00
C ILE A 195 1.40 11.73 7.47
N ASP A 196 2.48 12.44 7.15
CA ASP A 196 2.34 13.76 6.55
C ASP A 196 1.92 13.63 5.10
N PHE A 197 1.14 14.61 4.61
CA PHE A 197 0.60 14.49 3.26
C PHE A 197 0.15 15.84 2.76
N LYS A 198 -0.07 15.91 1.45
CA LYS A 198 -0.74 17.03 0.80
C LYS A 198 -1.73 16.46 -0.19
N ILE A 199 -2.95 16.98 -0.20
CA ILE A 199 -3.93 16.62 -1.22
C ILE A 199 -3.77 17.57 -2.40
N VAL A 200 -3.61 17.01 -3.59
CA VAL A 200 -3.34 17.77 -4.82
C VAL A 200 -4.47 17.50 -5.79
N GLY A 201 -5.19 18.55 -6.17
CA GLY A 201 -6.30 18.43 -7.10
C GLY A 201 -5.88 18.30 -8.54
N ASP A 209 -12.50 12.69 -8.82
CA ASP A 209 -11.85 13.32 -9.94
C ASP A 209 -10.34 13.03 -9.92
N THR A 210 -9.55 14.03 -10.26
CA THR A 210 -8.12 13.85 -10.16
C THR A 210 -7.88 14.38 -8.77
N LEU A 211 -7.56 13.48 -7.85
CA LEU A 211 -7.27 13.89 -6.52
C LEU A 211 -6.17 12.94 -6.10
N ASP A 212 -4.97 13.42 -5.90
CA ASP A 212 -3.88 12.57 -5.44
C ASP A 212 -3.42 13.03 -4.07
N VAL A 213 -3.01 12.06 -3.25
CA VAL A 213 -2.48 12.31 -1.91
C VAL A 213 -0.99 12.05 -1.99
N MET A 214 -0.19 13.10 -1.83
CA MET A 214 1.26 13.06 -2.02
C MET A 214 1.99 13.19 -0.69
N HIS A 215 3.12 12.49 -0.60
CA HIS A 215 4.14 12.76 0.43
C HIS A 215 5.38 13.17 -0.35
N GLY A 216 5.66 14.47 -0.39
CA GLY A 216 6.72 14.94 -1.27
C GLY A 216 6.34 14.60 -2.70
N ASP A 217 7.21 13.87 -3.39
CA ASP A 217 6.89 13.41 -4.74
C ASP A 217 6.40 11.96 -4.78
N LEU A 218 6.21 11.34 -3.62
CA LEU A 218 5.69 9.98 -3.56
C LEU A 218 4.17 10.01 -3.51
N GLU A 219 3.52 9.27 -4.40
CA GLU A 219 2.07 9.18 -4.38
C GLU A 219 1.63 8.15 -3.34
N LEU A 220 0.90 8.60 -2.31
CA LEU A 220 0.34 7.68 -1.33
C LEU A 220 -1.00 7.10 -1.78
N SER A 221 -1.78 7.88 -2.53
CA SER A 221 -3.11 7.47 -2.92
C SER A 221 -3.53 8.22 -4.17
N SER A 222 -4.40 7.58 -4.97
CA SER A 222 -5.24 8.29 -5.93
C SER A 222 -6.69 8.11 -5.50
N ALA A 223 -7.45 9.20 -5.53
CA ALA A 223 -8.83 9.18 -5.06
C ALA A 223 -9.73 9.72 -6.15
N GLY A 224 -11.04 9.45 -6.03
CA GLY A 224 -11.96 9.84 -7.08
C GLY A 224 -13.35 10.13 -6.55
N VAL A 225 -14.11 10.86 -7.37
CA VAL A 225 -15.50 11.23 -7.09
C VAL A 225 -16.33 10.85 -8.31
N GLY A 226 -17.32 10.00 -8.11
CA GLY A 226 -18.22 9.64 -9.18
C GLY A 226 -19.49 10.45 -9.07
N PRO A 227 -20.39 10.31 -10.05
CA PRO A 227 -20.36 9.33 -11.13
C PRO A 227 -19.38 9.65 -12.26
N ILE A 228 -18.91 8.59 -12.90
CA ILE A 228 -18.10 8.69 -14.12
C ILE A 228 -18.69 7.72 -15.13
N PRO A 229 -18.40 7.93 -16.42
CA PRO A 229 -18.97 7.04 -17.45
C PRO A 229 -18.70 5.56 -17.21
N LEU A 230 -17.55 5.19 -16.62
CA LEU A 230 -17.21 3.78 -16.43
C LEU A 230 -18.22 3.06 -15.54
N ASP A 231 -18.85 3.78 -14.59
CA ASP A 231 -19.79 3.17 -13.65
C ASP A 231 -20.83 2.31 -14.36
N ARG A 232 -21.29 2.75 -15.52
CA ARG A 232 -22.36 2.06 -16.23
C ARG A 232 -22.00 0.61 -16.53
N GLU A 233 -20.74 0.34 -16.92
CA GLU A 233 -20.31 -1.02 -17.23
C GLU A 233 -20.41 -1.95 -16.03
N TRP A 234 -20.40 -1.39 -14.82
CA TRP A 234 -20.43 -2.17 -13.60
C TRP A 234 -21.80 -2.15 -12.93
N GLY A 235 -22.81 -1.61 -13.60
CA GLY A 235 -24.15 -1.60 -13.03
C GLY A 235 -24.31 -0.59 -11.92
N ILE A 236 -23.49 0.44 -11.91
CA ILE A 236 -23.47 1.48 -10.87
C ILE A 236 -24.10 2.73 -11.48
N ASP A 237 -25.10 3.33 -10.78
CA ASP A 237 -25.67 4.58 -11.27
C ASP A 237 -25.93 5.59 -10.14
N LYS A 238 -25.09 5.60 -9.12
CA LYS A 238 -25.22 6.52 -7.99
C LYS A 238 -23.90 7.25 -7.83
N PRO A 239 -23.90 8.42 -7.18
CA PRO A 239 -22.63 9.09 -6.90
C PRO A 239 -21.80 8.25 -5.93
N TRP A 240 -20.49 8.49 -5.95
CA TRP A 240 -19.61 7.76 -5.04
C TRP A 240 -18.33 8.55 -4.82
N ILE A 241 -17.62 8.20 -3.74
CA ILE A 241 -16.26 8.68 -3.47
C ILE A 241 -15.42 7.48 -3.05
N GLY A 242 -14.12 7.58 -3.25
CA GLY A 242 -13.27 6.49 -2.76
C GLY A 242 -11.82 6.75 -3.08
N ALA A 243 -10.97 5.85 -2.60
CA ALA A 243 -9.53 6.04 -2.76
C ALA A 243 -8.84 4.69 -2.63
N GLY A 244 -7.61 4.64 -3.14
CA GLY A 244 -6.76 3.48 -2.97
C GLY A 244 -5.41 3.91 -2.45
N PHE A 245 -4.87 3.21 -1.45
CA PHE A 245 -3.64 3.56 -0.77
C PHE A 245 -2.72 2.34 -0.75
N GLY A 246 -1.42 2.55 -1.01
CA GLY A 246 -0.49 1.43 -0.84
C GLY A 246 0.04 1.34 0.58
N LEU A 247 -0.16 0.20 1.25
CA LEU A 247 0.29 0.07 2.64
C LEU A 247 1.81 0.14 2.75
N GLU A 248 2.54 -0.47 1.81
CA GLU A 248 4.00 -0.43 1.94
C GLU A 248 4.53 1.00 1.75
N ARG A 249 3.88 1.83 0.91
CA ARG A 249 4.28 3.23 0.85
C ARG A 249 4.01 3.96 2.16
N LEU A 250 2.88 3.68 2.83
CA LEU A 250 2.64 4.28 4.14
C LEU A 250 3.72 3.87 5.13
N LEU A 251 4.08 2.58 5.15
CA LEU A 251 5.13 2.15 6.06
C LEU A 251 6.47 2.78 5.69
N LYS A 252 6.76 2.90 4.39
CA LYS A 252 8.01 3.52 3.97
C LYS A 252 8.12 4.94 4.51
N VAL A 253 7.03 5.71 4.43
CA VAL A 253 7.04 7.08 4.94
C VAL A 253 7.12 7.08 6.47
N LYS A 254 6.30 6.25 7.11
CA LYS A 254 6.22 6.23 8.56
C LYS A 254 7.57 5.92 9.19
N HIS A 255 8.30 4.97 8.60
CA HIS A 255 9.54 4.48 9.18
C HIS A 255 10.77 5.06 8.50
N ASP A 256 10.58 5.96 7.54
CA ASP A 256 11.70 6.63 6.87
C ASP A 256 12.62 5.64 6.17
N PHE A 257 12.05 4.56 5.61
CA PHE A 257 12.83 3.60 4.84
C PHE A 257 13.32 4.25 3.55
N LYS A 258 14.55 3.94 3.15
CA LYS A 258 15.07 4.50 1.91
C LYS A 258 14.52 3.79 0.67
N ASN A 259 14.12 2.52 0.80
CA ASN A 259 13.62 1.74 -0.31
C ASN A 259 12.40 0.97 0.17
N ILE A 260 11.35 0.93 -0.65
CA ILE A 260 10.12 0.26 -0.26
C ILE A 260 10.31 -1.24 -0.03
N LYS A 261 11.40 -1.83 -0.54
CA LYS A 261 11.69 -3.25 -0.23
C LYS A 261 11.68 -3.54 1.27
N ARG A 262 12.03 -2.54 2.10
CA ARG A 262 12.07 -2.73 3.56
C ARG A 262 10.71 -3.00 4.15
N ALA A 263 9.64 -2.60 3.47
CA ALA A 263 8.29 -2.71 4.00
C ALA A 263 7.51 -3.87 3.39
N ALA A 264 8.05 -4.55 2.39
CA ALA A 264 7.32 -5.52 1.61
C ALA A 264 7.18 -6.84 2.36
N ARG A 265 6.17 -7.61 1.98
CA ARG A 265 6.24 -9.07 2.13
C ARG A 265 7.58 -9.53 1.64
N SER A 266 8.31 -10.26 2.47
CA SER A 266 9.69 -10.40 2.04
C SER A 266 10.34 -11.52 2.83
N GLU A 267 11.33 -12.14 2.23
CA GLU A 267 12.23 -13.02 2.96
C GLU A 267 13.48 -12.30 3.41
N SER A 268 13.70 -11.06 2.92
CA SER A 268 14.93 -10.31 3.14
C SER A 268 14.87 -9.33 4.30
N TYR A 269 13.68 -8.92 4.73
CA TYR A 269 13.53 -7.95 5.79
C TYR A 269 12.37 -8.35 6.68
N TYR A 270 12.55 -8.17 7.98
CA TYR A 270 11.47 -8.32 8.95
C TYR A 270 11.31 -7.00 9.68
N ASN A 271 10.12 -6.39 9.57
CA ASN A 271 9.88 -5.05 10.12
C ASN A 271 11.04 -4.10 9.80
N GLY A 272 11.48 -4.14 8.55
CA GLY A 272 12.55 -3.27 8.10
C GLY A 272 13.94 -3.66 8.54
N ILE A 273 14.10 -4.78 9.24
CA ILE A 273 15.42 -5.27 9.68
C ILE A 273 15.86 -6.36 8.73
N SER A 274 17.12 -6.29 8.28
CA SER A 274 17.66 -7.33 7.41
C SER A 274 17.61 -8.69 8.11
N THR A 275 17.13 -9.70 7.39
CA THR A 275 17.15 -11.06 7.89
C THR A 275 18.42 -11.82 7.49
N ASN A 276 19.36 -11.15 6.84
CA ASN A 276 20.60 -11.80 6.39
C ASN A 276 21.70 -11.34 7.32
N LEU A 277 21.76 -11.97 8.48
CA LEU A 277 22.65 -11.55 9.55
C LEU A 277 23.85 -12.50 9.63
MG MG B . -2.47 7.01 -9.18
MG MG C . 1.89 2.85 -11.44
PG ANP D . 2.58 5.34 -9.53
O1G ANP D . 3.47 5.59 -8.34
O2G ANP D . 2.81 4.01 -10.22
O3G ANP D . 2.50 6.51 -10.48
PB ANP D . -0.36 4.55 -9.76
O1B ANP D . -1.25 5.69 -10.20
O2B ANP D . 0.19 3.62 -10.80
N3B ANP D . 0.98 5.22 -8.85
PA ANP D . -2.78 3.66 -8.60
O1A ANP D . -3.26 5.06 -8.30
O2A ANP D . -3.34 2.88 -9.75
O3A ANP D . -1.17 3.66 -8.71
O5' ANP D . -2.93 2.77 -7.26
C5' ANP D . -3.47 3.32 -6.06
C4' ANP D . -2.39 3.30 -5.00
O4' ANP D . -1.74 2.04 -4.94
C3' ANP D . -1.31 4.34 -5.27
O3' ANP D . -1.62 5.60 -4.67
C2' ANP D . -0.03 3.71 -4.75
O2' ANP D . 0.32 4.18 -3.44
C1' ANP D . -0.34 2.23 -4.64
N9 ANP D . 0.49 1.47 -5.60
C8 ANP D . 0.32 1.46 -6.93
N7 ANP D . 1.26 0.69 -7.54
C5 ANP D . 2.07 0.22 -6.59
C6 ANP D . 3.27 -0.66 -6.55
N6 ANP D . 3.79 -1.18 -7.67
N1 ANP D . 3.82 -0.90 -5.34
C2 ANP D . 3.31 -0.38 -4.20
N3 ANP D . 2.22 0.41 -4.17
C4 ANP D . 1.57 0.74 -5.31
CD1 FXL E . -11.56 2.31 -6.52
CA FXL E . -8.45 1.47 -5.60
CB FXL E . -9.88 1.47 -4.90
CG FXL E . -11.02 2.37 -5.28
CD2 FXL E . -11.56 3.25 -4.38
CE2 FXL E . -12.60 4.07 -4.75
CZ FXL E . -13.12 4.02 -6.00
CE1 FXL E . -12.58 3.12 -6.86
C FXL E . -7.77 2.51 -6.65
N FXL E . -8.31 0.08 -6.06
O FXL E . -7.44 3.73 -6.54
OXT FXL E . -7.42 2.16 -7.81
CL1 FXL E . -13.24 2.92 -8.47
#